data_8G82
#
_entry.id   8G82
#
_cell.length_a   30.490
_cell.length_b   71.150
_cell.length_c   82.440
_cell.angle_alpha   90.00
_cell.angle_beta   90.00
_cell.angle_gamma   90.00
#
_symmetry.space_group_name_H-M   'P 21 21 21'
#
loop_
_entity.id
_entity.type
_entity.pdbx_description
1 polymer Vancomycin
2 polymer D-Ala-D-Ser
3 branched vancosamine-(1-2)-beta-D-glucopyranose
4 non-polymer 'TRIETHYLENE GLYCOL'
5 non-polymer 'BORIC ACID'
6 non-polymer 'DIMETHYL SULFOXIDE'
7 non-polymer beta-D-glucopyranose
8 non-polymer vancosamine
9 water water
#
loop_
_entity_poly.entity_id
_entity_poly.type
_entity_poly.pdbx_seq_one_letter_code
_entity_poly.pdbx_strand_id
1 'polypeptide(L)' (MLU)(OMZ)N(GHP)(GHP)(OMY)(3FG) A,B,C,D,E,F,G,H,I,J
2 'polypeptide(D)' (ACE)(DAL)(DSN) K,L,M,N,O,P,Q,R,S,T
#
# COMPACT_ATOMS: atom_id res chain seq x y z
N ASN A 3 9.43 -6.38 -13.78
CA ASN A 3 8.57 -6.01 -12.61
C ASN A 3 7.66 -4.80 -12.81
N ASN B 3 0.28 5.56 -11.00
CA ASN B 3 1.31 4.90 -10.16
C ASN B 3 2.22 3.93 -10.92
N ASN C 3 -2.30 10.58 -5.76
CA ASN C 3 -3.00 9.37 -6.31
C ASN C 3 -3.49 8.41 -5.23
N ASN D 3 -7.82 -1.75 1.28
CA ASN D 3 -6.84 -1.66 0.17
C ASN D 3 -6.31 -0.26 -0.11
N ASN E 3 7.69 -9.62 11.27
CA ASN E 3 6.88 -8.97 12.36
C ASN E 3 5.57 -8.36 11.88
N ASN F 3 -4.87 -1.23 10.38
CA ASN F 3 -3.49 -0.83 10.75
C ASN F 3 -2.43 -1.91 10.50
N ASN G 3 -9.65 -4.08 -5.49
CA ASN G 3 -10.69 -3.06 -5.69
C ASN G 3 -11.59 -3.32 -6.92
N ASN H 3 -18.72 -1.12 -17.23
CA ASN H 3 -17.86 -0.24 -16.38
C ASN H 3 -16.91 -1.00 -15.45
N ASN I 3 10.65 -4.03 15.20
CA ASN I 3 10.82 -3.12 14.04
C ASN I 3 11.66 -1.87 14.34
N ASN J 3 15.51 10.25 14.40
CA ASN J 3 14.28 9.64 13.83
C ASN J 3 14.03 8.17 14.22
#